data_5AYH
#
_entry.id   5AYH
#
_cell.length_a   103.325
_cell.length_b   103.325
_cell.length_c   69.709
_cell.angle_alpha   90.00
_cell.angle_beta   90.00
_cell.angle_gamma   120.00
#
_symmetry.space_group_name_H-M   'P 31 2 1'
#
_entity_poly.entity_id   1
_entity_poly.type   'polypeptide(L)'
_entity_poly.pdbx_seq_one_letter_code
;MKETVDQVEELRRDLRIKSQELEVKNAAANDKLKKMVKDQQEAEKKKVMSQEIQEQLHKQQEVIADKQMSVKEDLDKVEP
AVIEAQNAVKSIKKQHLVEVRSMANPPAAVKLALESICLLLGESTTDWKQIRSIIMRENFIPTIVNFSAEEISDAIREKM
KKNYMSNPSYNYEIVNRASLACGPMVKWAIAQLNYADMLKRVEPLRNELQKLEDDAKDNQQKANEVEQMIRDLEASIARY
KEEYAVLISEAQAIKADLAAVEAKVNRSTAHHHHHH
;
_entity_poly.pdbx_strand_id   A
#
# COMPACT_ATOMS: atom_id res chain seq x y z
N ASP A 14 -14.51 73.97 24.23
CA ASP A 14 -15.03 72.63 24.45
C ASP A 14 -14.17 71.58 23.76
N LEU A 15 -14.34 70.32 24.17
CA LEU A 15 -13.57 69.21 23.62
C LEU A 15 -14.43 68.37 22.67
N ARG A 16 -15.00 69.02 21.67
CA ARG A 16 -15.96 68.39 20.75
C ARG A 16 -15.28 67.50 19.72
N ILE A 17 -13.96 67.63 19.60
CA ILE A 17 -13.20 66.85 18.63
C ILE A 17 -12.85 65.47 19.18
N LYS A 18 -12.53 65.42 20.48
CA LYS A 18 -12.16 64.17 21.13
C LYS A 18 -13.27 63.12 21.02
N SER A 19 -14.51 63.58 21.12
CA SER A 19 -15.67 62.70 21.08
C SER A 19 -15.77 61.93 19.77
N GLN A 20 -15.77 62.65 18.66
CA GLN A 20 -15.84 62.02 17.35
C GLN A 20 -14.54 61.29 17.02
N GLU A 21 -13.44 61.75 17.62
CA GLU A 21 -12.15 61.11 17.43
C GLU A 21 -12.15 59.70 18.03
N LEU A 22 -12.77 59.55 19.18
CA LEU A 22 -12.86 58.25 19.83
C LEU A 22 -14.04 57.43 19.30
N GLU A 23 -15.07 58.12 18.83
CA GLU A 23 -16.24 57.46 18.26
C GLU A 23 -15.85 56.64 17.02
N VAL A 24 -14.87 57.15 16.28
CA VAL A 24 -14.36 56.47 15.10
C VAL A 24 -13.32 55.41 15.50
N LYS A 25 -12.52 55.74 16.51
CA LYS A 25 -11.48 54.84 16.98
C LYS A 25 -12.04 53.52 17.48
N ASN A 26 -13.05 53.58 18.33
CA ASN A 26 -13.66 52.39 18.89
C ASN A 26 -14.54 51.65 17.89
N ALA A 27 -15.14 52.40 16.97
CA ALA A 27 -16.00 51.81 15.95
C ALA A 27 -15.20 50.90 15.03
N ALA A 28 -13.98 51.32 14.71
CA ALA A 28 -13.09 50.53 13.87
C ALA A 28 -12.48 49.38 14.68
N ALA A 29 -12.24 49.64 15.97
CA ALA A 29 -11.68 48.62 16.85
C ALA A 29 -12.68 47.48 17.07
N ASN A 30 -13.94 47.84 17.32
CA ASN A 30 -14.99 46.85 17.51
C ASN A 30 -15.33 46.16 16.19
N ASP A 31 -15.02 46.83 15.09
CA ASP A 31 -15.18 46.26 13.76
C ASP A 31 -13.99 45.35 13.44
N LYS A 32 -12.89 45.59 14.13
CA LYS A 32 -11.68 44.79 13.95
C LYS A 32 -11.80 43.45 14.67
N LEU A 33 -12.43 43.47 15.84
CA LEU A 33 -12.70 42.25 16.59
C LEU A 33 -13.66 41.34 15.84
N LYS A 34 -14.61 41.97 15.15
CA LYS A 34 -15.58 41.23 14.36
C LYS A 34 -14.89 40.43 13.27
N LYS A 35 -13.84 41.02 12.69
CA LYS A 35 -13.06 40.35 11.65
C LYS A 35 -12.10 39.35 12.29
N MET A 36 -11.57 39.69 13.46
CA MET A 36 -10.66 38.81 14.18
C MET A 36 -11.38 37.59 14.74
N VAL A 37 -12.52 37.82 15.40
CA VAL A 37 -13.29 36.72 15.96
C VAL A 37 -13.85 35.81 14.87
N LYS A 38 -14.04 36.38 13.68
CA LYS A 38 -14.51 35.61 12.53
C LYS A 38 -13.49 34.55 12.13
N ASP A 39 -12.22 34.93 12.09
CA ASP A 39 -11.15 34.00 11.74
C ASP A 39 -10.73 33.14 12.92
N GLN A 40 -10.90 33.68 14.13
CA GLN A 40 -10.47 32.97 15.33
C GLN A 40 -11.27 31.69 15.55
N GLN A 41 -12.55 31.72 15.18
CA GLN A 41 -13.39 30.54 15.30
C GLN A 41 -13.46 29.78 13.99
N GLU A 42 -13.03 30.42 12.90
CA GLU A 42 -12.83 29.71 11.65
C GLU A 42 -11.61 28.82 11.80
N ALA A 43 -10.66 29.29 12.60
CA ALA A 43 -9.46 28.52 12.92
C ALA A 43 -9.80 27.38 13.87
N GLU A 44 -10.60 27.69 14.88
CA GLU A 44 -11.05 26.70 15.83
C GLU A 44 -11.84 25.60 15.11
N LYS A 45 -12.63 26.02 14.13
CA LYS A 45 -13.39 25.08 13.31
C LYS A 45 -12.47 24.15 12.55
N LYS A 46 -11.40 24.71 11.99
CA LYS A 46 -10.42 23.95 11.24
C LYS A 46 -9.58 23.05 12.15
N LYS A 47 -9.36 23.51 13.38
CA LYS A 47 -8.59 22.73 14.34
C LYS A 47 -9.33 21.45 14.72
N VAL A 48 -10.66 21.52 14.73
CA VAL A 48 -11.48 20.35 15.01
C VAL A 48 -11.38 19.33 13.87
N MET A 49 -11.41 19.83 12.64
CA MET A 49 -11.27 18.98 11.47
C MET A 49 -9.94 18.24 11.47
N SER A 50 -8.89 18.92 11.91
CA SER A 50 -7.56 18.35 11.93
C SER A 50 -7.49 17.11 12.84
N GLN A 51 -7.94 17.27 14.08
CA GLN A 51 -7.97 16.16 15.01
C GLN A 51 -8.90 15.05 14.53
N GLU A 52 -9.97 15.46 13.86
CA GLU A 52 -10.95 14.53 13.32
C GLU A 52 -10.34 13.70 12.19
N ILE A 53 -9.50 14.34 11.39
CA ILE A 53 -8.82 13.66 10.28
C ILE A 53 -7.77 12.68 10.80
N GLN A 54 -6.97 13.13 11.76
CA GLN A 54 -5.92 12.30 12.35
C GLN A 54 -6.48 11.03 12.98
N GLU A 55 -7.66 11.15 13.58
CA GLU A 55 -8.33 10.00 14.18
C GLU A 55 -8.74 8.99 13.11
N GLN A 56 -9.34 9.50 12.03
CA GLN A 56 -9.75 8.65 10.93
C GLN A 56 -8.56 8.03 10.22
N LEU A 57 -7.44 8.74 10.25
CA LEU A 57 -6.21 8.27 9.60
C LEU A 57 -5.51 7.23 10.46
N HIS A 58 -5.66 7.35 11.78
CA HIS A 58 -5.04 6.43 12.71
C HIS A 58 -5.68 5.04 12.64
N LYS A 59 -7.00 5.00 12.67
CA LYS A 59 -7.74 3.75 12.58
C LYS A 59 -7.52 3.07 11.22
N GLN A 60 -7.24 3.88 10.21
CA GLN A 60 -7.09 3.38 8.85
C GLN A 60 -5.80 2.59 8.66
N GLN A 61 -4.71 3.06 9.26
CA GLN A 61 -3.42 2.40 9.11
C GLN A 61 -3.37 1.09 9.89
N GLU A 62 -4.15 1.01 10.96
CA GLU A 62 -4.27 -0.22 11.73
C GLU A 62 -4.78 -1.35 10.85
N VAL A 63 -5.73 -1.02 9.99
CA VAL A 63 -6.29 -1.98 9.05
C VAL A 63 -5.24 -2.34 7.99
N ILE A 64 -4.48 -1.34 7.57
CA ILE A 64 -3.41 -1.54 6.59
C ILE A 64 -2.31 -2.42 7.15
N ALA A 65 -1.94 -2.16 8.40
CA ALA A 65 -0.83 -2.86 9.06
C ALA A 65 -1.02 -4.37 9.11
N ASP A 66 -2.16 -4.80 9.65
CA ASP A 66 -2.43 -6.23 9.82
C ASP A 66 -2.53 -6.94 8.49
N LYS A 67 -3.25 -6.33 7.55
CA LYS A 67 -3.44 -6.94 6.24
C LYS A 67 -2.15 -6.98 5.44
N GLN A 68 -1.28 -5.99 5.66
CA GLN A 68 -0.01 -5.94 4.97
C GLN A 68 0.92 -7.04 5.47
N MET A 69 0.86 -7.33 6.76
CA MET A 69 1.65 -8.39 7.37
C MET A 69 1.02 -9.76 7.09
N SER A 70 -0.30 -9.79 7.02
CA SER A 70 -1.03 -11.01 6.70
C SER A 70 -0.64 -11.56 5.34
N VAL A 71 -0.46 -10.64 4.38
CA VAL A 71 -0.02 -11.00 3.04
C VAL A 71 1.37 -11.63 3.10
N LYS A 72 2.26 -11.04 3.88
CA LYS A 72 3.61 -11.56 4.03
C LYS A 72 3.62 -12.95 4.67
N GLU A 73 2.85 -13.10 5.73
CA GLU A 73 2.76 -14.40 6.41
C GLU A 73 2.11 -15.44 5.50
N ASP A 74 1.24 -14.98 4.60
CA ASP A 74 0.64 -15.86 3.60
C ASP A 74 1.65 -16.25 2.53
N LEU A 75 2.56 -15.33 2.22
CA LEU A 75 3.53 -15.56 1.15
C LEU A 75 4.76 -16.32 1.64
N ASP A 76 5.19 -16.03 2.87
CA ASP A 76 6.43 -16.58 3.40
C ASP A 76 6.39 -18.09 3.64
N LYS A 77 5.20 -18.68 3.59
CA LYS A 77 5.06 -20.12 3.83
C LYS A 77 5.32 -20.96 2.59
N VAL A 78 5.08 -20.37 1.42
CA VAL A 78 5.20 -21.10 0.17
C VAL A 78 6.36 -20.59 -0.69
N GLU A 79 6.67 -19.31 -0.55
CA GLU A 79 7.70 -18.65 -1.35
C GLU A 79 9.10 -19.32 -1.32
N PRO A 80 9.64 -19.63 -0.12
CA PRO A 80 11.00 -20.17 -0.12
C PRO A 80 11.13 -21.53 -0.80
N ALA A 81 10.03 -22.28 -0.84
CA ALA A 81 10.01 -23.57 -1.53
C ALA A 81 10.06 -23.38 -3.03
N VAL A 82 9.51 -22.27 -3.50
CA VAL A 82 9.46 -21.98 -4.93
C VAL A 82 10.82 -21.57 -5.47
N ILE A 83 11.48 -20.66 -4.77
CA ILE A 83 12.79 -20.16 -5.19
C ILE A 83 13.85 -21.25 -5.03
N GLU A 84 13.61 -22.20 -4.14
CA GLU A 84 14.50 -23.34 -3.95
C GLU A 84 14.41 -24.29 -5.13
N ALA A 85 13.20 -24.48 -5.64
CA ALA A 85 12.95 -25.39 -6.75
C ALA A 85 13.46 -24.83 -8.07
N GLN A 86 13.27 -23.54 -8.28
CA GLN A 86 13.73 -22.88 -9.50
C GLN A 86 15.26 -23.00 -9.65
N ASN A 87 15.95 -22.90 -8.52
CA ASN A 87 17.40 -23.08 -8.52
C ASN A 87 17.78 -24.54 -8.77
N ALA A 88 16.94 -25.45 -8.29
CA ALA A 88 17.17 -26.87 -8.47
C ALA A 88 16.95 -27.29 -9.92
N VAL A 89 15.91 -26.71 -10.54
CA VAL A 89 15.59 -27.01 -11.93
C VAL A 89 16.65 -26.46 -12.88
N LYS A 90 17.05 -25.21 -12.65
CA LYS A 90 18.06 -24.57 -13.49
C LYS A 90 19.42 -25.25 -13.31
N SER A 91 19.90 -25.29 -12.08
CA SER A 91 21.17 -25.97 -11.78
C SER A 91 20.99 -27.48 -11.87
N ILE A 92 21.05 -28.00 -13.09
CA ILE A 92 20.89 -29.43 -13.31
C ILE A 92 22.00 -29.94 -14.23
N LYS A 93 22.38 -31.19 -14.07
CA LYS A 93 23.41 -31.78 -14.91
C LYS A 93 22.87 -32.01 -16.32
N LYS A 94 23.65 -31.62 -17.32
CA LYS A 94 23.21 -31.70 -18.71
C LYS A 94 23.01 -33.15 -19.14
N GLN A 95 23.78 -34.06 -18.55
CA GLN A 95 23.65 -35.49 -18.84
C GLN A 95 22.29 -36.01 -18.36
N HIS A 96 21.76 -35.41 -17.30
CA HIS A 96 20.44 -35.79 -16.78
C HIS A 96 19.34 -35.36 -17.74
N LEU A 97 19.61 -34.30 -18.50
CA LEU A 97 18.68 -33.85 -19.53
C LEU A 97 18.74 -34.78 -20.73
N VAL A 98 19.90 -35.37 -20.94
CA VAL A 98 20.13 -36.26 -22.07
C VAL A 98 19.36 -37.57 -21.93
N GLU A 99 19.36 -38.14 -20.72
CA GLU A 99 18.71 -39.43 -20.49
C GLU A 99 17.21 -39.36 -20.70
N VAL A 100 16.60 -38.22 -20.37
CA VAL A 100 15.17 -38.02 -20.55
C VAL A 100 14.88 -37.79 -22.03
N ARG A 101 15.78 -37.06 -22.69
CA ARG A 101 15.70 -36.82 -24.12
C ARG A 101 15.76 -38.11 -24.91
N SER A 102 16.61 -39.04 -24.44
CA SER A 102 16.82 -40.30 -25.12
C SER A 102 15.96 -41.44 -24.56
N MET A 103 14.86 -41.08 -23.90
CA MET A 103 13.96 -42.08 -23.36
C MET A 103 12.97 -42.57 -24.41
N ALA A 104 13.22 -43.76 -24.96
CA ALA A 104 12.31 -44.37 -25.91
C ALA A 104 11.06 -44.86 -25.18
N ASN A 105 11.29 -45.55 -24.06
CA ASN A 105 10.19 -46.04 -23.22
C ASN A 105 10.31 -45.47 -21.81
N PRO A 106 9.51 -44.43 -21.50
CA PRO A 106 9.59 -43.74 -20.22
C PRO A 106 8.73 -44.38 -19.13
N PRO A 107 9.24 -44.41 -17.89
CA PRO A 107 8.46 -44.90 -16.74
C PRO A 107 7.17 -44.12 -16.56
N ALA A 108 6.21 -44.72 -15.86
CA ALA A 108 4.91 -44.09 -15.66
C ALA A 108 5.03 -42.79 -14.86
N ALA A 109 6.01 -42.75 -13.97
CA ALA A 109 6.24 -41.58 -13.13
C ALA A 109 6.81 -40.41 -13.93
N VAL A 110 7.78 -40.71 -14.80
CA VAL A 110 8.39 -39.70 -15.65
C VAL A 110 7.35 -39.08 -16.58
N LYS A 111 6.48 -39.94 -17.12
CA LYS A 111 5.38 -39.47 -17.96
C LYS A 111 4.44 -38.57 -17.16
N LEU A 112 4.15 -38.96 -15.94
CA LEU A 112 3.29 -38.17 -15.06
C LEU A 112 3.90 -36.81 -14.74
N ALA A 113 5.20 -36.81 -14.47
CA ALA A 113 5.91 -35.59 -14.07
C ALA A 113 5.89 -34.54 -15.17
N LEU A 114 6.37 -34.92 -16.35
CA LEU A 114 6.47 -34.00 -17.48
C LEU A 114 5.10 -33.53 -17.96
N GLU A 115 4.09 -34.37 -17.78
CA GLU A 115 2.71 -34.01 -18.11
C GLU A 115 2.25 -32.82 -17.27
N SER A 116 2.59 -32.85 -15.98
CA SER A 116 2.23 -31.79 -15.06
C SER A 116 2.96 -30.50 -15.39
N ILE A 117 4.23 -30.62 -15.75
CA ILE A 117 5.03 -29.46 -16.15
C ILE A 117 4.45 -28.83 -17.40
N CYS A 118 4.04 -29.68 -18.34
CA CYS A 118 3.43 -29.22 -19.58
C CYS A 118 2.08 -28.56 -19.33
N LEU A 119 1.35 -29.07 -18.35
CA LEU A 119 0.04 -28.52 -18.00
C LEU A 119 0.16 -27.12 -17.43
N LEU A 120 1.13 -26.92 -16.54
CA LEU A 120 1.37 -25.62 -15.94
C LEU A 120 1.87 -24.62 -16.97
N LEU A 121 2.57 -25.12 -17.98
CA LEU A 121 3.12 -24.28 -19.03
C LEU A 121 2.10 -24.06 -20.16
N GLY A 122 0.84 -24.39 -19.90
CA GLY A 122 -0.22 -24.22 -20.86
C GLY A 122 -0.26 -25.36 -21.88
N GLU A 123 0.87 -25.62 -22.51
CA GLU A 123 1.00 -26.67 -23.52
C GLU A 123 0.74 -28.06 -22.94
N SER A 124 -0.49 -28.33 -22.56
CA SER A 124 -0.85 -29.59 -21.92
C SER A 124 -1.24 -30.67 -22.92
N THR A 125 -0.29 -31.53 -23.24
CA THR A 125 -0.55 -32.66 -24.11
C THR A 125 -0.72 -33.94 -23.30
N THR A 126 -0.68 -35.09 -23.97
CA THR A 126 -0.85 -36.36 -23.28
C THR A 126 -0.18 -37.53 -24.01
N ASP A 127 0.54 -37.22 -25.08
CA ASP A 127 1.31 -38.24 -25.81
C ASP A 127 2.81 -38.02 -25.63
N TRP A 128 3.55 -39.10 -25.48
CA TRP A 128 4.97 -38.99 -25.16
C TRP A 128 5.80 -38.42 -26.30
N LYS A 129 5.45 -38.79 -27.54
CA LYS A 129 6.24 -38.38 -28.69
C LYS A 129 6.17 -36.87 -28.90
N GLN A 130 5.05 -36.26 -28.54
CA GLN A 130 4.91 -34.81 -28.62
C GLN A 130 5.40 -34.16 -27.34
N ILE A 131 5.37 -34.91 -26.24
CA ILE A 131 5.92 -34.44 -24.98
C ILE A 131 7.44 -34.35 -25.06
N ARG A 132 8.05 -35.41 -25.61
CA ARG A 132 9.51 -35.46 -25.78
C ARG A 132 9.98 -34.32 -26.68
N SER A 133 9.15 -33.95 -27.65
CA SER A 133 9.42 -32.81 -28.50
C SER A 133 9.47 -31.54 -27.67
N ILE A 134 8.56 -31.43 -26.72
CA ILE A 134 8.48 -30.28 -25.83
C ILE A 134 9.47 -30.44 -24.67
N ILE A 135 9.81 -31.68 -24.35
CA ILE A 135 10.65 -31.99 -23.19
C ILE A 135 11.99 -31.26 -23.21
N MET A 136 12.49 -30.96 -24.41
CA MET A 136 13.71 -30.19 -24.53
C MET A 136 13.84 -29.53 -25.89
N ARG A 137 13.50 -28.24 -25.96
CA ARG A 137 13.71 -27.43 -27.15
C ARG A 137 14.77 -26.39 -26.89
N GLU A 138 15.73 -26.73 -26.03
CA GLU A 138 16.81 -25.84 -25.61
C GLU A 138 16.26 -24.57 -24.94
N ASN A 139 15.02 -24.64 -24.46
CA ASN A 139 14.41 -23.54 -23.75
C ASN A 139 13.41 -24.06 -22.73
N PHE A 140 13.41 -25.39 -22.55
CA PHE A 140 12.50 -26.06 -21.63
C PHE A 140 12.79 -25.68 -20.17
N ILE A 141 14.05 -25.78 -19.77
CA ILE A 141 14.44 -25.40 -18.42
C ILE A 141 14.35 -23.88 -18.16
N PRO A 142 14.83 -23.04 -19.10
CA PRO A 142 14.70 -21.60 -18.84
C PRO A 142 13.26 -21.11 -18.69
N THR A 143 12.32 -21.66 -19.46
CA THR A 143 10.94 -21.21 -19.40
C THR A 143 10.26 -21.70 -18.12
N ILE A 144 10.82 -22.74 -17.51
CA ILE A 144 10.31 -23.23 -16.24
C ILE A 144 10.81 -22.35 -15.11
N VAL A 145 12.09 -22.01 -15.16
CA VAL A 145 12.69 -21.14 -14.16
C VAL A 145 12.07 -19.74 -14.22
N ASN A 146 12.16 -19.12 -15.40
CA ASN A 146 11.54 -17.83 -15.63
C ASN A 146 10.04 -17.98 -15.83
N PHE A 147 9.32 -18.24 -14.74
CA PHE A 147 7.90 -18.51 -14.81
C PHE A 147 7.19 -18.07 -13.54
N SER A 148 6.40 -17.01 -13.65
CA SER A 148 5.61 -16.53 -12.53
C SER A 148 4.30 -17.31 -12.42
N ALA A 149 3.91 -17.63 -11.19
CA ALA A 149 2.71 -18.43 -10.96
C ALA A 149 1.44 -17.60 -11.09
N GLU A 150 1.58 -16.35 -11.51
CA GLU A 150 0.42 -15.49 -11.77
C GLU A 150 -0.14 -15.74 -13.16
N GLU A 151 0.10 -16.94 -13.70
CA GLU A 151 -0.39 -17.30 -15.02
C GLU A 151 -1.37 -18.48 -14.94
N ILE A 152 -1.14 -19.37 -13.99
CA ILE A 152 -2.00 -20.54 -13.79
C ILE A 152 -3.43 -20.12 -13.44
N SER A 153 -4.41 -20.75 -14.08
CA SER A 153 -5.80 -20.39 -13.86
C SER A 153 -6.44 -21.24 -12.76
N ASP A 154 -7.69 -20.91 -12.43
CA ASP A 154 -8.44 -21.65 -11.43
C ASP A 154 -8.73 -23.07 -11.88
N ALA A 155 -9.00 -23.21 -13.18
CA ALA A 155 -9.27 -24.51 -13.77
C ALA A 155 -8.00 -25.35 -13.79
N ILE A 156 -6.91 -24.77 -14.27
CA ILE A 156 -5.62 -25.46 -14.34
C ILE A 156 -5.18 -25.93 -12.95
N ARG A 157 -5.42 -25.09 -11.94
CA ARG A 157 -5.02 -25.40 -10.58
C ARG A 157 -5.75 -26.64 -10.04
N GLU A 158 -7.06 -26.68 -10.21
CA GLU A 158 -7.86 -27.77 -9.69
C GLU A 158 -7.66 -29.07 -10.48
N LYS A 159 -7.38 -28.94 -11.77
CA LYS A 159 -7.06 -30.09 -12.61
C LYS A 159 -5.73 -30.70 -12.17
N MET A 160 -4.77 -29.85 -11.85
CA MET A 160 -3.46 -30.29 -11.37
C MET A 160 -3.61 -31.07 -10.07
N LYS A 161 -4.50 -30.60 -9.21
CA LYS A 161 -4.79 -31.29 -7.96
C LYS A 161 -5.52 -32.60 -8.21
N LYS A 162 -6.53 -32.54 -9.08
CA LYS A 162 -7.41 -33.68 -9.32
C LYS A 162 -6.69 -34.90 -9.86
N ASN A 163 -5.79 -34.69 -10.82
CA ASN A 163 -5.16 -35.78 -11.54
C ASN A 163 -3.79 -36.19 -11.01
N TYR A 164 -2.93 -35.19 -10.78
CA TYR A 164 -1.52 -35.47 -10.54
C TYR A 164 -1.17 -35.62 -9.07
N MET A 165 -1.05 -34.52 -8.33
CA MET A 165 -0.55 -34.59 -6.97
C MET A 165 -1.56 -35.15 -5.97
N SER A 166 -2.62 -35.77 -6.49
CA SER A 166 -3.53 -36.56 -5.68
C SER A 166 -3.22 -38.04 -5.89
N ASN A 167 -2.61 -38.33 -7.04
CA ASN A 167 -2.19 -39.69 -7.38
C ASN A 167 -0.94 -40.09 -6.61
N PRO A 168 -1.00 -41.26 -5.93
CA PRO A 168 0.07 -41.77 -5.07
C PRO A 168 1.44 -41.87 -5.74
N SER A 169 1.45 -42.07 -7.06
CA SER A 169 2.70 -42.20 -7.79
C SER A 169 3.39 -40.85 -7.98
N TYR A 170 2.64 -39.76 -7.82
CA TYR A 170 3.15 -38.42 -8.07
C TYR A 170 3.74 -37.78 -6.82
N ASN A 171 5.03 -37.99 -6.61
CA ASN A 171 5.77 -37.35 -5.53
C ASN A 171 7.25 -37.36 -5.85
N TYR A 172 8.03 -36.56 -5.13
CA TYR A 172 9.45 -36.41 -5.43
C TYR A 172 10.25 -37.72 -5.34
N GLU A 173 9.96 -38.52 -4.31
CA GLU A 173 10.72 -39.75 -4.05
C GLU A 173 10.58 -40.77 -5.19
N ILE A 174 9.36 -40.99 -5.64
CA ILE A 174 9.10 -41.96 -6.70
C ILE A 174 9.68 -41.47 -8.02
N VAL A 175 9.46 -40.19 -8.32
CA VAL A 175 9.92 -39.61 -9.57
C VAL A 175 11.45 -39.54 -9.65
N ASN A 176 12.09 -39.02 -8.60
CA ASN A 176 13.54 -38.88 -8.59
C ASN A 176 14.24 -40.24 -8.65
N ARG A 177 13.55 -41.28 -8.18
CA ARG A 177 14.06 -42.64 -8.25
C ARG A 177 14.15 -43.09 -9.70
N ALA A 178 13.15 -42.71 -10.48
CA ALA A 178 13.10 -43.08 -11.89
C ALA A 178 14.02 -42.21 -12.73
N SER A 179 14.00 -40.90 -12.48
CA SER A 179 14.84 -39.98 -13.24
C SER A 179 15.32 -38.81 -12.37
N LEU A 180 16.59 -38.46 -12.51
CA LEU A 180 17.20 -37.39 -11.72
C LEU A 180 16.80 -36.02 -12.26
N ALA A 181 16.32 -35.99 -13.50
CA ALA A 181 15.96 -34.73 -14.14
C ALA A 181 14.52 -34.32 -13.85
N CYS A 182 13.60 -35.29 -13.84
CA CYS A 182 12.21 -35.02 -13.54
C CYS A 182 11.98 -34.84 -12.04
N GLY A 183 13.04 -35.05 -11.27
CA GLY A 183 13.00 -34.88 -9.82
C GLY A 183 12.71 -33.45 -9.40
N PRO A 184 13.64 -32.53 -9.68
CA PRO A 184 13.50 -31.12 -9.31
C PRO A 184 12.21 -30.47 -9.80
N MET A 185 11.87 -30.67 -11.07
CA MET A 185 10.68 -30.04 -11.65
C MET A 185 9.39 -30.60 -11.06
N VAL A 186 9.47 -31.74 -10.40
CA VAL A 186 8.32 -32.28 -9.68
C VAL A 186 8.03 -31.40 -8.47
N LYS A 187 9.07 -31.11 -7.69
CA LYS A 187 8.95 -30.20 -6.55
C LYS A 187 8.49 -28.82 -7.00
N TRP A 188 8.99 -28.39 -8.16
CA TRP A 188 8.62 -27.10 -8.73
C TRP A 188 7.13 -27.04 -9.03
N ALA A 189 6.58 -28.15 -9.52
CA ALA A 189 5.16 -28.20 -9.85
C ALA A 189 4.30 -28.07 -8.60
N ILE A 190 4.74 -28.68 -7.50
CA ILE A 190 4.03 -28.58 -6.23
C ILE A 190 4.12 -27.15 -5.68
N ALA A 191 5.32 -26.60 -5.68
CA ALA A 191 5.56 -25.26 -5.12
C ALA A 191 4.77 -24.17 -5.83
N GLN A 192 4.72 -24.25 -7.15
CA GLN A 192 4.01 -23.26 -7.96
C GLN A 192 2.50 -23.37 -7.77
N LEU A 193 2.02 -24.58 -7.56
CA LEU A 193 0.59 -24.78 -7.37
C LEU A 193 0.12 -24.23 -6.03
N ASN A 194 0.86 -24.58 -4.97
CA ASN A 194 0.57 -24.05 -3.64
C ASN A 194 0.69 -22.53 -3.60
N TYR A 195 1.56 -22.00 -4.43
CA TYR A 195 1.71 -20.57 -4.58
C TYR A 195 0.45 -19.99 -5.21
N ALA A 196 -0.07 -20.71 -6.21
CA ALA A 196 -1.30 -20.30 -6.89
C ALA A 196 -2.51 -20.44 -5.97
N ASP A 197 -2.47 -21.42 -5.08
CA ASP A 197 -3.51 -21.59 -4.09
C ASP A 197 -3.55 -20.40 -3.14
N MET A 198 -2.37 -19.89 -2.80
CA MET A 198 -2.26 -18.77 -1.88
C MET A 198 -2.68 -17.46 -2.54
N LEU A 199 -2.40 -17.34 -3.84
CA LEU A 199 -2.72 -16.13 -4.59
C LEU A 199 -4.22 -15.86 -4.64
N LYS A 200 -5.01 -16.92 -4.45
CA LYS A 200 -6.46 -16.78 -4.38
C LYS A 200 -6.88 -16.01 -3.13
N ARG A 201 -6.03 -16.07 -2.11
CA ARG A 201 -6.29 -15.40 -0.84
C ARG A 201 -5.62 -14.04 -0.79
N VAL A 202 -4.47 -13.92 -1.44
CA VAL A 202 -3.68 -12.70 -1.39
C VAL A 202 -4.22 -11.64 -2.35
N GLU A 203 -4.71 -12.06 -3.51
CA GLU A 203 -5.25 -11.14 -4.51
C GLU A 203 -6.34 -10.18 -3.98
N PRO A 204 -7.33 -10.70 -3.22
CA PRO A 204 -8.28 -9.72 -2.69
C PRO A 204 -7.66 -8.82 -1.63
N LEU A 205 -6.67 -9.35 -0.89
CA LEU A 205 -6.00 -8.57 0.14
C LEU A 205 -5.15 -7.46 -0.47
N ARG A 206 -4.43 -7.79 -1.54
CA ARG A 206 -3.63 -6.80 -2.26
C ARG A 206 -4.51 -5.68 -2.81
N ASN A 207 -5.67 -6.05 -3.34
CA ASN A 207 -6.57 -5.08 -3.95
C ASN A 207 -7.19 -4.14 -2.92
N GLU A 208 -7.72 -4.69 -1.84
CA GLU A 208 -8.34 -3.88 -0.80
C GLU A 208 -7.30 -3.04 -0.07
N LEU A 209 -6.05 -3.49 -0.11
CA LEU A 209 -4.94 -2.71 0.43
C LEU A 209 -4.76 -1.43 -0.38
N GLN A 210 -4.80 -1.58 -1.70
CA GLN A 210 -4.64 -0.45 -2.60
C GLN A 210 -5.74 0.60 -2.38
N LYS A 211 -6.98 0.13 -2.27
CA LYS A 211 -8.12 1.01 -1.99
C LYS A 211 -7.91 1.80 -0.70
N LEU A 212 -7.32 1.14 0.29
CA LEU A 212 -7.08 1.74 1.59
C LEU A 212 -5.85 2.64 1.57
N GLU A 213 -4.79 2.19 0.91
CA GLU A 213 -3.56 2.95 0.81
C GLU A 213 -3.75 4.24 0.00
N ASP A 214 -4.63 4.19 -1.00
CA ASP A 214 -4.94 5.38 -1.78
C ASP A 214 -5.68 6.42 -0.96
N ASP A 215 -6.70 5.97 -0.23
CA ASP A 215 -7.51 6.85 0.59
C ASP A 215 -6.69 7.46 1.73
N ALA A 216 -5.73 6.71 2.23
CA ALA A 216 -4.87 7.18 3.31
C ALA A 216 -3.99 8.34 2.85
N LYS A 217 -3.40 8.19 1.67
CA LYS A 217 -2.53 9.23 1.11
C LYS A 217 -3.32 10.50 0.82
N ASP A 218 -4.55 10.34 0.34
CA ASP A 218 -5.41 11.47 0.06
C ASP A 218 -5.90 12.11 1.36
N ASN A 219 -6.10 11.30 2.37
CA ASN A 219 -6.50 11.78 3.69
C ASN A 219 -5.37 12.55 4.35
N GLN A 220 -4.14 12.12 4.11
CA GLN A 220 -2.97 12.80 4.63
C GLN A 220 -2.81 14.15 3.94
N GLN A 221 -3.05 14.17 2.64
CA GLN A 221 -3.02 15.42 1.89
C GLN A 221 -4.04 16.41 2.46
N LYS A 222 -5.25 15.91 2.70
CA LYS A 222 -6.31 16.72 3.29
C LYS A 222 -5.89 17.22 4.67
N ALA A 223 -5.15 16.39 5.39
CA ALA A 223 -4.64 16.77 6.71
C ALA A 223 -3.64 17.92 6.60
N ASN A 224 -2.68 17.77 5.70
CA ASN A 224 -1.68 18.80 5.46
C ASN A 224 -2.29 20.10 4.95
N GLU A 225 -3.34 19.98 4.15
CA GLU A 225 -4.06 21.14 3.63
C GLU A 225 -4.70 21.93 4.76
N VAL A 226 -5.37 21.22 5.67
CA VAL A 226 -6.05 21.86 6.80
C VAL A 226 -5.04 22.51 7.75
N GLU A 227 -3.95 21.79 8.03
CA GLU A 227 -2.92 22.28 8.93
C GLU A 227 -2.35 23.61 8.46
N GLN A 228 -2.15 23.74 7.16
CA GLN A 228 -1.63 24.98 6.59
C GLN A 228 -2.68 26.09 6.66
N MET A 229 -3.93 25.72 6.45
CA MET A 229 -5.04 26.67 6.55
C MET A 229 -5.17 27.16 8.00
N ILE A 230 -4.98 26.24 8.94
CA ILE A 230 -4.99 26.60 10.36
C ILE A 230 -3.88 27.60 10.67
N ARG A 231 -2.71 27.39 10.07
CA ARG A 231 -1.54 28.20 10.36
C ARG A 231 -1.60 29.56 9.64
N ASP A 232 -2.24 29.59 8.49
CA ASP A 232 -2.38 30.84 7.75
C ASP A 232 -3.35 31.78 8.45
N LEU A 233 -4.39 31.20 9.05
CA LEU A 233 -5.35 31.97 9.82
C LEU A 233 -4.68 32.60 11.04
N GLU A 234 -3.77 31.86 11.68
CA GLU A 234 -3.06 32.35 12.86
C GLU A 234 -2.22 33.57 12.51
N ALA A 235 -1.63 33.57 11.32
CA ALA A 235 -0.80 34.68 10.87
C ALA A 235 -1.64 35.94 10.68
N SER A 236 -2.80 35.79 10.05
CA SER A 236 -3.72 36.91 9.85
C SER A 236 -4.28 37.39 11.19
N ILE A 237 -4.56 36.45 12.08
CA ILE A 237 -5.07 36.77 13.41
C ILE A 237 -4.02 37.54 14.21
N ALA A 238 -2.77 37.11 14.11
CA ALA A 238 -1.67 37.76 14.82
C ALA A 238 -1.53 39.23 14.44
N ARG A 239 -1.79 39.55 13.17
CA ARG A 239 -1.72 40.93 12.72
C ARG A 239 -2.83 41.76 13.34
N TYR A 240 -4.04 41.23 13.31
CA TYR A 240 -5.22 41.94 13.82
C TYR A 240 -5.11 42.16 15.33
N LYS A 241 -4.54 41.19 16.04
CA LYS A 241 -4.31 41.32 17.47
C LYS A 241 -3.36 42.47 17.76
N GLU A 242 -2.23 42.50 17.05
CA GLU A 242 -1.22 43.52 17.26
C GLU A 242 -1.73 44.89 16.84
N GLU A 243 -2.55 44.92 15.80
CA GLU A 243 -3.11 46.18 15.29
C GLU A 243 -4.12 46.77 16.27
N TYR A 244 -5.02 45.93 16.76
CA TYR A 244 -5.97 46.37 17.78
C TYR A 244 -5.22 46.74 19.06
N ALA A 245 -4.15 46.01 19.34
CA ALA A 245 -3.36 46.25 20.55
C ALA A 245 -2.82 47.67 20.57
N VAL A 246 -2.29 48.13 19.44
CA VAL A 246 -1.75 49.47 19.34
C VAL A 246 -2.86 50.50 19.13
N LEU A 247 -4.06 50.03 18.78
CA LEU A 247 -5.19 50.92 18.59
C LEU A 247 -5.62 51.57 19.90
N ILE A 248 -6.02 50.75 20.86
CA ILE A 248 -6.51 51.26 22.14
C ILE A 248 -5.37 51.63 23.08
N SER A 249 -4.16 51.21 22.72
CA SER A 249 -2.97 51.58 23.49
C SER A 249 -2.72 53.07 23.40
N GLU A 250 -2.68 53.57 22.16
CA GLU A 250 -2.49 54.99 21.91
C GLU A 250 -3.77 55.77 22.18
N ALA A 251 -4.87 55.04 22.39
CA ALA A 251 -6.16 55.68 22.60
C ALA A 251 -6.35 56.17 24.02
N GLN A 252 -5.97 55.35 25.00
CA GLN A 252 -6.13 55.72 26.40
C GLN A 252 -5.21 56.91 26.76
N ALA A 253 -4.27 57.20 25.86
CA ALA A 253 -3.45 58.39 26.00
C ALA A 253 -4.31 59.65 25.95
N ILE A 254 -5.47 59.56 25.31
CA ILE A 254 -6.41 60.68 25.32
C ILE A 254 -7.03 60.81 26.70
N LYS A 255 -7.14 59.71 27.43
CA LYS A 255 -7.69 59.75 28.77
C LYS A 255 -6.65 60.39 29.68
N ALA A 256 -5.40 60.01 29.48
CA ALA A 256 -4.30 60.61 30.21
C ALA A 256 -4.24 62.12 29.97
N ASP A 257 -4.27 62.50 28.70
CA ASP A 257 -4.20 63.91 28.31
C ASP A 257 -5.39 64.71 28.80
N LEU A 258 -6.59 64.15 28.68
CA LEU A 258 -7.81 64.82 29.12
C LEU A 258 -7.77 65.05 30.63
N ALA A 259 -7.47 64.00 31.39
CA ALA A 259 -7.34 64.12 32.84
C ALA A 259 -6.30 65.17 33.22
N ALA A 260 -5.18 65.15 32.51
CA ALA A 260 -4.09 66.08 32.77
C ALA A 260 -4.52 67.54 32.55
N VAL A 261 -5.03 67.84 31.36
CA VAL A 261 -5.42 69.21 31.02
C VAL A 261 -6.60 69.69 31.86
N GLU A 262 -7.48 68.78 32.25
CA GLU A 262 -8.60 69.14 33.11
C GLU A 262 -8.09 69.51 34.49
N ALA A 263 -7.17 68.69 35.00
CA ALA A 263 -6.52 68.97 36.28
C ALA A 263 -5.77 70.29 36.24
N LYS A 264 -5.23 70.63 35.07
CA LYS A 264 -4.50 71.89 34.91
C LYS A 264 -5.47 73.07 34.90
N VAL A 265 -6.62 72.89 34.24
CA VAL A 265 -7.63 73.94 34.18
C VAL A 265 -8.20 74.22 35.57
N ASN A 266 -8.55 73.17 36.30
CA ASN A 266 -9.12 73.33 37.63
C ASN A 266 -8.12 73.93 38.62
N ARG A 267 -6.89 73.45 38.60
CA ARG A 267 -5.86 73.93 39.51
C ARG A 267 -5.08 75.10 38.91
#